data_1YYP
#
_entry.id   1YYP
#
_cell.length_a   91.787
_cell.length_b   127.592
_cell.length_c   65.975
_cell.angle_alpha   90.00
_cell.angle_beta   90.00
_cell.angle_gamma   90.00
#
_symmetry.space_group_name_H-M   'C 2 2 21'
#
loop_
_entity.id
_entity.type
_entity.pdbx_description
1 polymer 'DNA polymerase processivity factor'
2 polymer 'DNA polymerase'
3 non-polymer 'SULFATE ION'
4 non-polymer 1,2-ETHANEDIOL
5 water water
#
loop_
_entity_poly.entity_id
_entity_poly.type
_entity_poly.pdbx_seq_one_letter_code
_entity_poly.pdbx_strand_id
1 'polypeptide(L)'
;MDRKTRLSEPPTLALRLKPYKTAIQQLRSVIRALKENTTVTFLPTPSLILQTVRSHCVSKITFNSSCLYITDKSFQPKTI
NNSTPLLGNFMYLTSSKDLTKFYVQDISDLSAKISMCAPDFNMEFSSACVHGQDIVRESENSAVHVDLDFGVVADLLKWI
GPHTRVKRNVKKAPCPTGTVQILVHAGPPAIKFILTNGSELEFTSNNRVSFHGVKNMRINVQLKNFYQTLLNCAVTKLPC
TLRIVTEHDTLLYVASRNGLFAVENFLTEEPFQRGDPFDKNYVGNSGKSR
;
A
2 'polypeptide(L)' LPRRLHLEPAFLPYSVKAHECC B
#
loop_
_chem_comp.id
_chem_comp.type
_chem_comp.name
_chem_comp.formula
EDO non-polymer 1,2-ETHANEDIOL 'C2 H6 O2'
SO4 non-polymer 'SULFATE ION' 'O4 S -2'
#
# COMPACT_ATOMS: atom_id res chain seq x y z
N GLU A 9 -32.36 -5.65 3.66
CA GLU A 9 -31.01 -5.19 4.10
C GLU A 9 -30.10 -5.02 2.87
N PRO A 10 -29.51 -3.83 2.70
CA PRO A 10 -28.62 -3.57 1.57
C PRO A 10 -27.29 -4.30 1.74
N PRO A 11 -26.57 -4.57 0.65
CA PRO A 11 -25.27 -5.25 0.73
C PRO A 11 -24.43 -4.54 1.77
N THR A 12 -23.88 -5.28 2.73
CA THR A 12 -23.07 -4.70 3.78
C THR A 12 -21.70 -5.33 3.98
N LEU A 13 -20.71 -4.46 4.10
CA LEU A 13 -19.33 -4.85 4.31
C LEU A 13 -18.99 -4.39 5.71
N ALA A 14 -18.70 -5.34 6.60
CA ALA A 14 -18.37 -4.99 7.97
C ALA A 14 -16.92 -5.33 8.32
N LEU A 15 -16.38 -4.62 9.30
CA LEU A 15 -15.02 -4.86 9.73
C LEU A 15 -15.09 -5.78 10.90
N ARG A 16 -14.19 -6.76 10.96
CA ARG A 16 -14.16 -7.71 12.07
C ARG A 16 -13.21 -6.91 12.97
N LEU A 17 -13.75 -6.33 14.04
CA LEU A 17 -12.90 -5.52 14.93
C LEU A 17 -11.61 -6.00 15.57
N LYS A 18 -11.57 -7.22 16.06
CA LYS A 18 -10.35 -7.72 16.68
C LYS A 18 -9.14 -7.55 15.74
N PRO A 19 -9.12 -8.26 14.60
CA PRO A 19 -7.99 -8.11 13.67
C PRO A 19 -7.87 -6.71 13.06
N TYR A 20 -8.99 -6.07 12.74
CA TYR A 20 -8.88 -4.73 12.16
C TYR A 20 -8.17 -3.77 13.14
N LYS A 21 -8.52 -3.87 14.43
CA LYS A 21 -7.91 -2.99 15.43
C LYS A 21 -6.41 -3.26 15.56
N THR A 22 -6.03 -4.54 15.49
CA THR A 22 -4.64 -4.94 15.60
C THR A 22 -3.91 -4.33 14.41
N ALA A 23 -4.52 -4.45 13.24
CA ALA A 23 -3.96 -3.92 12.00
C ALA A 23 -3.71 -2.40 11.98
N ILE A 24 -4.73 -1.59 12.30
CA ILE A 24 -4.53 -0.14 12.31
C ILE A 24 -3.52 0.36 13.33
N GLN A 25 -3.35 -0.36 14.44
CA GLN A 25 -2.40 0.06 15.46
C GLN A 25 -1.00 -0.12 14.83
N GLN A 26 -0.77 -1.20 14.09
CA GLN A 26 0.54 -1.39 13.48
C GLN A 26 0.80 -0.36 12.40
N LEU A 27 -0.29 0.15 11.82
CA LEU A 27 -0.24 1.14 10.75
C LEU A 27 -0.48 2.57 11.26
N ARG A 28 -0.51 2.75 12.57
CA ARG A 28 -0.75 4.07 13.17
C ARG A 28 0.02 5.22 12.52
N SER A 29 1.32 5.06 12.40
CA SER A 29 2.17 6.07 11.80
C SER A 29 1.68 6.42 10.40
N VAL A 30 1.49 5.40 9.57
CA VAL A 30 1.02 5.59 8.20
C VAL A 30 -0.35 6.28 8.15
N ILE A 31 -1.30 5.77 8.92
CA ILE A 31 -2.66 6.31 8.98
C ILE A 31 -2.71 7.78 9.36
N ARG A 32 -1.99 8.13 10.42
CA ARG A 32 -1.91 9.49 10.95
C ARG A 32 -1.31 10.52 10.00
N ALA A 33 -0.40 10.07 9.14
CA ALA A 33 0.27 10.94 8.18
C ALA A 33 -0.48 11.10 6.86
N LEU A 34 -1.62 10.43 6.70
CA LEU A 34 -2.38 10.55 5.46
C LEU A 34 -2.90 11.98 5.31
N LYS A 35 -2.95 12.47 4.08
CA LYS A 35 -3.42 13.84 3.82
C LYS A 35 -4.62 13.92 2.86
N GLU A 36 -4.45 14.55 1.70
CA GLU A 36 -5.55 14.67 0.73
C GLU A 36 -5.42 13.79 -0.51
N ASN A 37 -4.28 13.15 -0.67
CA ASN A 37 -4.04 12.30 -1.81
C ASN A 37 -4.21 10.81 -1.57
N THR A 38 -5.24 10.44 -0.81
CA THR A 38 -5.50 9.04 -0.51
C THR A 38 -6.94 8.64 -0.70
N THR A 39 -7.15 7.44 -1.27
CA THR A 39 -8.51 6.92 -1.50
C THR A 39 -8.70 5.65 -0.73
N VAL A 40 -9.96 5.36 -0.41
CA VAL A 40 -10.31 4.15 0.32
C VAL A 40 -11.30 3.45 -0.59
N THR A 41 -11.01 2.18 -0.90
CA THR A 41 -11.87 1.36 -1.76
C THR A 41 -12.37 0.15 -0.97
N PHE A 42 -13.68 -0.05 -0.99
CA PHE A 42 -14.33 -1.16 -0.30
C PHE A 42 -14.76 -2.16 -1.35
N LEU A 43 -14.24 -3.38 -1.26
CA LEU A 43 -14.60 -4.41 -2.24
C LEU A 43 -15.36 -5.58 -1.64
N PRO A 44 -16.22 -6.20 -2.44
CA PRO A 44 -17.02 -7.35 -1.97
C PRO A 44 -16.19 -8.65 -1.77
N THR A 45 -14.90 -8.61 -2.06
CA THR A 45 -14.00 -9.78 -1.92
C THR A 45 -14.11 -10.69 -0.67
N PRO A 46 -14.12 -10.16 0.56
CA PRO A 46 -14.03 -8.72 0.87
C PRO A 46 -12.63 -8.19 0.96
N SER A 47 -12.50 -6.88 0.78
CA SER A 47 -11.22 -6.24 0.86
C SER A 47 -11.38 -4.73 1.04
N LEU A 48 -10.36 -4.12 1.60
CA LEU A 48 -10.32 -2.69 1.84
C LEU A 48 -8.93 -2.26 1.37
N ILE A 49 -8.90 -1.37 0.39
CA ILE A 49 -7.66 -0.86 -0.19
C ILE A 49 -7.47 0.64 -0.02
N LEU A 50 -6.32 1.05 0.55
CA LEU A 50 -6.01 2.47 0.73
C LEU A 50 -4.91 2.73 -0.26
N GLN A 51 -5.06 3.74 -1.10
CA GLN A 51 -4.03 4.04 -2.07
C GLN A 51 -3.66 5.51 -2.01
N THR A 52 -2.38 5.76 -1.76
CA THR A 52 -1.85 7.10 -1.67
C THR A 52 -1.04 7.34 -2.95
N VAL A 53 -1.40 8.40 -3.65
CA VAL A 53 -0.77 8.78 -4.88
C VAL A 53 0.12 10.03 -4.81
N ARG A 54 1.36 9.89 -5.25
CA ARG A 54 2.33 10.97 -5.27
C ARG A 54 2.87 10.92 -6.70
N SER A 55 3.58 11.94 -7.14
CA SER A 55 4.12 11.97 -8.50
C SER A 55 4.99 10.78 -8.97
N HIS A 56 5.90 10.35 -8.10
CA HIS A 56 6.76 9.24 -8.43
C HIS A 56 6.65 8.09 -7.48
N CYS A 57 5.53 8.04 -6.77
CA CYS A 57 5.31 6.99 -5.81
C CYS A 57 3.85 6.74 -5.55
N VAL A 58 3.48 5.47 -5.49
CA VAL A 58 2.10 5.09 -5.23
C VAL A 58 2.22 4.05 -4.12
N SER A 59 1.55 4.33 -3.01
CA SER A 59 1.56 3.46 -1.85
C SER A 59 0.18 2.85 -1.68
N LYS A 60 0.13 1.56 -1.45
CA LYS A 60 -1.13 0.88 -1.29
C LYS A 60 -1.15 -0.07 -0.10
N ILE A 61 -2.22 -0.01 0.69
CA ILE A 61 -2.40 -0.86 1.85
C ILE A 61 -3.68 -1.63 1.60
N THR A 62 -3.58 -2.96 1.59
CA THR A 62 -4.73 -3.80 1.36
C THR A 62 -4.99 -4.65 2.60
N PHE A 63 -6.20 -4.55 3.16
CA PHE A 63 -6.58 -5.33 4.34
C PHE A 63 -7.17 -6.60 3.79
N ASN A 64 -6.73 -7.76 4.28
CA ASN A 64 -7.31 -8.97 3.73
C ASN A 64 -8.63 -9.39 4.34
N SER A 65 -9.21 -10.41 3.73
CA SER A 65 -10.48 -11.02 4.10
C SER A 65 -10.68 -11.29 5.58
N SER A 66 -9.62 -11.58 6.30
CA SER A 66 -9.72 -11.88 7.73
C SER A 66 -10.10 -10.66 8.59
N CYS A 67 -10.00 -9.46 8.01
CA CYS A 67 -10.34 -8.22 8.70
C CYS A 67 -11.73 -7.75 8.36
N LEU A 68 -12.37 -8.44 7.41
CA LEU A 68 -13.70 -8.06 6.99
C LEU A 68 -14.72 -9.18 6.92
N TYR A 69 -15.98 -8.78 6.79
CA TYR A 69 -17.08 -9.73 6.70
C TYR A 69 -18.09 -9.16 5.72
N ILE A 70 -18.49 -9.97 4.75
CA ILE A 70 -19.46 -9.52 3.77
C ILE A 70 -20.63 -10.47 3.71
N THR A 71 -21.79 -9.87 3.77
CA THR A 71 -23.07 -10.57 3.75
C THR A 71 -23.46 -10.99 2.33
N ASP A 72 -23.70 -10.00 1.51
CA ASP A 72 -24.09 -10.14 0.13
C ASP A 72 -22.98 -9.71 -0.84
N LYS A 73 -22.60 -10.61 -1.74
CA LYS A 73 -21.55 -10.33 -2.73
C LYS A 73 -21.92 -9.37 -3.89
N SER A 74 -23.16 -8.91 -3.94
CA SER A 74 -23.62 -8.00 -4.98
C SER A 74 -23.25 -6.55 -4.56
N PHE A 75 -22.46 -6.44 -3.49
CA PHE A 75 -22.00 -5.17 -2.95
C PHE A 75 -21.08 -4.57 -4.02
N GLN A 76 -21.46 -3.42 -4.56
CA GLN A 76 -20.67 -2.75 -5.58
C GLN A 76 -19.46 -2.05 -4.96
N PRO A 77 -18.29 -2.22 -5.58
CA PRO A 77 -17.07 -1.58 -5.08
C PRO A 77 -17.35 -0.10 -4.84
N LYS A 78 -16.91 0.44 -3.71
CA LYS A 78 -17.11 1.84 -3.36
C LYS A 78 -15.78 2.46 -3.06
N THR A 79 -15.52 3.62 -3.64
CA THR A 79 -14.29 4.35 -3.45
C THR A 79 -14.60 5.78 -3.02
N ILE A 80 -13.92 6.25 -1.98
CA ILE A 80 -14.10 7.60 -1.46
C ILE A 80 -12.74 8.18 -1.16
N ASN A 81 -12.63 9.50 -1.05
CA ASN A 81 -11.33 10.07 -0.75
C ASN A 81 -11.22 9.89 0.77
N ASN A 82 -10.01 9.72 1.29
CA ASN A 82 -9.86 9.55 2.72
C ASN A 82 -10.13 10.85 3.46
N SER A 83 -9.84 11.97 2.79
CA SER A 83 -10.06 13.26 3.39
C SER A 83 -11.55 13.59 3.30
N THR A 84 -12.22 13.35 4.42
CA THR A 84 -13.64 13.58 4.58
C THR A 84 -13.99 15.02 4.94
N PRO A 85 -15.00 15.57 4.28
CA PRO A 85 -15.45 16.94 4.53
C PRO A 85 -15.49 17.46 5.98
N LEU A 86 -16.00 16.77 6.98
CA LEU A 86 -15.93 17.44 8.31
C LEU A 86 -15.13 16.63 9.32
N LEU A 87 -15.10 15.32 9.11
CA LEU A 87 -14.36 14.42 9.99
C LEU A 87 -12.85 14.40 9.73
N GLY A 88 -12.41 14.89 8.57
CA GLY A 88 -10.98 14.89 8.26
C GLY A 88 -10.53 13.48 7.89
N ASN A 89 -9.36 13.08 8.38
CA ASN A 89 -8.78 11.75 8.13
C ASN A 89 -9.69 10.57 8.48
N PHE A 90 -10.35 10.01 7.48
CA PHE A 90 -11.26 8.87 7.68
C PHE A 90 -10.68 7.66 8.40
N MET A 91 -9.60 7.10 7.85
CA MET A 91 -8.98 5.94 8.45
C MET A 91 -8.49 6.23 9.88
N TYR A 92 -8.08 7.46 10.16
CA TYR A 92 -7.61 7.79 11.51
C TYR A 92 -8.78 7.63 12.47
N LEU A 93 -9.94 8.06 12.01
CA LEU A 93 -11.13 7.97 12.82
C LEU A 93 -11.43 6.48 13.14
N THR A 94 -11.21 5.57 12.18
CA THR A 94 -11.48 4.14 12.44
C THR A 94 -10.45 3.52 13.41
N SER A 95 -9.41 4.27 13.77
CA SER A 95 -8.40 3.78 14.69
C SER A 95 -8.70 4.09 16.14
N SER A 96 -9.85 4.72 16.36
CA SER A 96 -10.26 5.08 17.71
C SER A 96 -10.42 3.81 18.55
N LYS A 97 -9.77 3.79 19.70
CA LYS A 97 -9.82 2.66 20.62
C LYS A 97 -11.26 2.30 21.07
N ASP A 98 -12.15 3.29 20.96
CA ASP A 98 -13.57 3.15 21.34
C ASP A 98 -14.49 2.49 20.33
N LEU A 99 -14.03 2.35 19.09
CA LEU A 99 -14.83 1.72 18.03
C LEU A 99 -15.34 0.31 18.37
N THR A 100 -16.65 0.09 18.22
CA THR A 100 -17.20 -1.23 18.53
C THR A 100 -17.90 -1.85 17.33
N LYS A 101 -18.14 -1.07 16.30
CA LYS A 101 -18.81 -1.56 15.11
C LYS A 101 -18.49 -0.60 13.99
N PHE A 102 -18.19 -1.15 12.83
CA PHE A 102 -17.88 -0.35 11.67
C PHE A 102 -18.33 -1.15 10.48
N TYR A 103 -19.19 -0.54 9.67
CA TYR A 103 -19.70 -1.19 8.48
C TYR A 103 -20.05 -0.19 7.37
N VAL A 104 -20.02 -0.67 6.14
CA VAL A 104 -20.32 0.15 4.99
C VAL A 104 -21.45 -0.50 4.22
N GLN A 105 -22.42 0.31 3.82
CA GLN A 105 -23.57 -0.22 3.08
C GLN A 105 -23.62 0.37 1.69
N ASP A 106 -24.05 -0.47 0.76
CA ASP A 106 -24.17 -0.10 -0.62
C ASP A 106 -25.67 0.16 -0.86
N ILE A 107 -26.09 1.40 -0.60
CA ILE A 107 -27.47 1.79 -0.79
C ILE A 107 -27.67 2.37 -2.17
N SER A 108 -26.77 3.27 -2.55
CA SER A 108 -26.81 3.92 -3.83
C SER A 108 -25.52 3.71 -4.58
N ASP A 109 -25.57 3.87 -5.88
CA ASP A 109 -24.38 3.70 -6.71
C ASP A 109 -23.52 4.95 -6.62
N LEU A 110 -24.13 6.02 -6.10
CA LEU A 110 -23.48 7.32 -5.95
C LEU A 110 -22.77 7.61 -4.63
N SER A 111 -23.03 6.82 -3.61
CA SER A 111 -22.37 7.07 -2.33
C SER A 111 -22.22 5.84 -1.47
N ALA A 112 -21.41 5.99 -0.44
CA ALA A 112 -21.15 4.93 0.49
C ALA A 112 -21.76 5.41 1.79
N LYS A 113 -22.50 4.54 2.46
CA LYS A 113 -23.11 4.90 3.72
C LYS A 113 -22.25 4.18 4.73
N ILE A 114 -21.51 4.95 5.53
CA ILE A 114 -20.65 4.38 6.54
C ILE A 114 -21.23 4.59 7.93
N SER A 115 -21.33 3.50 8.68
CA SER A 115 -21.87 3.48 10.04
C SER A 115 -20.78 3.08 11.04
N MET A 116 -20.70 3.81 12.15
CA MET A 116 -19.71 3.55 13.19
C MET A 116 -20.39 3.60 14.55
N CYS A 117 -19.96 2.75 15.47
CA CYS A 117 -20.51 2.69 16.83
C CYS A 117 -19.38 2.74 17.84
N ALA A 118 -19.75 3.13 19.06
CA ALA A 118 -18.86 3.27 20.20
C ALA A 118 -19.86 3.10 21.32
N PRO A 119 -19.40 2.80 22.52
CA PRO A 119 -20.30 2.61 23.66
C PRO A 119 -21.69 3.27 23.73
N ASP A 120 -21.86 4.57 23.89
CA ASP A 120 -23.26 5.03 23.95
C ASP A 120 -23.47 5.95 22.77
N PHE A 121 -22.87 5.56 21.65
CA PHE A 121 -22.93 6.31 20.44
C PHE A 121 -22.97 5.53 19.15
N ASN A 122 -23.52 6.19 18.14
CA ASN A 122 -23.63 5.62 16.81
C ASN A 122 -23.61 6.80 15.84
N MET A 123 -22.96 6.64 14.71
CA MET A 123 -22.89 7.70 13.73
C MET A 123 -22.97 7.10 12.34
N GLU A 124 -23.48 7.89 11.41
CA GLU A 124 -23.65 7.47 10.03
C GLU A 124 -23.20 8.63 9.18
N PHE A 125 -22.62 8.32 8.04
CA PHE A 125 -22.18 9.38 7.15
C PHE A 125 -22.24 8.87 5.72
N SER A 126 -22.61 9.75 4.80
CA SER A 126 -22.72 9.40 3.39
C SER A 126 -21.69 10.20 2.66
N SER A 127 -20.75 9.50 2.05
CA SER A 127 -19.66 10.12 1.29
C SER A 127 -19.85 9.84 -0.19
N ALA A 128 -19.79 10.89 -1.01
CA ALA A 128 -19.96 10.74 -2.46
C ALA A 128 -18.88 9.82 -2.97
N CYS A 129 -19.23 9.00 -3.94
CA CYS A 129 -18.27 8.07 -4.50
C CYS A 129 -17.45 8.59 -5.62
N VAL A 130 -16.22 8.13 -5.65
CA VAL A 130 -15.29 8.51 -6.67
C VAL A 130 -15.52 7.46 -7.74
N HIS A 131 -15.54 7.85 -9.01
CA HIS A 131 -15.76 6.90 -10.08
C HIS A 131 -14.48 6.77 -10.90
N GLY A 132 -14.26 5.58 -11.48
CA GLY A 132 -13.08 5.33 -12.29
C GLY A 132 -11.71 5.49 -11.67
N GLN A 133 -11.58 5.28 -10.37
CA GLN A 133 -10.29 5.41 -9.71
C GLN A 133 -9.40 4.26 -10.18
N ASP A 134 -8.15 4.58 -10.51
CA ASP A 134 -7.20 3.57 -10.97
C ASP A 134 -6.44 3.10 -9.78
N ILE A 135 -6.31 1.78 -9.67
CA ILE A 135 -5.59 1.18 -8.57
C ILE A 135 -4.35 0.49 -9.14
N VAL A 136 -3.16 0.91 -8.69
CA VAL A 136 -1.92 0.30 -9.17
C VAL A 136 -1.85 -1.15 -8.65
N ARG A 137 -1.41 -2.07 -9.49
CA ARG A 137 -1.31 -3.47 -9.11
C ARG A 137 0.04 -4.13 -9.45
N GLU A 138 0.48 -5.05 -8.61
CA GLU A 138 1.75 -5.79 -8.77
C GLU A 138 1.68 -6.67 -10.01
N SER A 139 2.72 -6.60 -10.83
CA SER A 139 2.78 -7.39 -12.06
C SER A 139 3.13 -8.86 -11.83
N GLU A 140 2.54 -9.73 -12.67
CA GLU A 140 2.74 -11.18 -12.63
C GLU A 140 4.22 -11.48 -12.32
N ASN A 141 5.11 -11.23 -13.29
CA ASN A 141 6.54 -11.47 -13.09
C ASN A 141 7.33 -10.21 -13.40
N SER A 142 8.66 -10.28 -13.31
CA SER A 142 9.46 -9.10 -13.58
C SER A 142 10.92 -9.33 -13.79
N ALA A 143 11.57 -8.29 -14.31
CA ALA A 143 13.00 -8.31 -14.58
C ALA A 143 13.82 -8.73 -13.35
N VAL A 144 13.47 -8.19 -12.19
CA VAL A 144 14.18 -8.52 -10.96
C VAL A 144 13.17 -8.79 -9.85
N HIS A 145 13.49 -9.77 -9.00
CA HIS A 145 12.65 -10.16 -7.87
C HIS A 145 13.54 -10.75 -6.80
N VAL A 146 13.61 -10.05 -5.67
CA VAL A 146 14.41 -10.44 -4.52
C VAL A 146 13.54 -10.35 -3.30
N ASP A 147 13.74 -11.27 -2.37
CA ASP A 147 12.99 -11.30 -1.12
C ASP A 147 14.07 -11.01 -0.06
N LEU A 148 13.74 -10.19 0.92
CA LEU A 148 14.68 -9.85 1.96
C LEU A 148 14.15 -10.06 3.34
N ASP A 149 15.01 -10.57 4.23
CA ASP A 149 14.61 -10.80 5.61
C ASP A 149 14.28 -9.45 6.19
N PHE A 150 13.49 -9.44 7.26
CA PHE A 150 13.14 -8.17 7.89
C PHE A 150 14.49 -7.52 8.34
N GLY A 151 15.39 -8.32 8.92
CA GLY A 151 16.69 -7.85 9.39
C GLY A 151 17.48 -7.10 8.31
N VAL A 152 17.30 -7.49 7.06
CA VAL A 152 18.01 -6.83 5.96
C VAL A 152 17.35 -5.47 5.79
N VAL A 153 16.03 -5.42 5.85
CA VAL A 153 15.27 -4.19 5.71
C VAL A 153 15.69 -3.21 6.79
N ALA A 154 15.86 -3.73 8.01
CA ALA A 154 16.27 -2.94 9.17
C ALA A 154 17.67 -2.36 8.91
N ASP A 155 18.54 -3.15 8.29
CA ASP A 155 19.90 -2.71 7.99
C ASP A 155 19.83 -1.56 7.00
N LEU A 156 19.01 -1.70 5.96
CA LEU A 156 18.87 -0.65 4.96
C LEU A 156 18.37 0.64 5.63
N LEU A 157 17.32 0.53 6.44
CA LEU A 157 16.77 1.69 7.14
C LEU A 157 17.82 2.37 8.01
N LYS A 158 18.54 1.57 8.80
CA LYS A 158 19.58 2.08 9.68
C LYS A 158 20.71 2.77 8.92
N TRP A 159 21.08 2.20 7.79
CA TRP A 159 22.14 2.74 6.95
C TRP A 159 21.77 4.05 6.26
N ILE A 160 20.53 4.17 5.81
CA ILE A 160 20.08 5.38 5.14
C ILE A 160 19.70 6.47 6.13
N GLY A 161 18.75 6.16 7.02
CA GLY A 161 18.26 7.07 8.04
C GLY A 161 19.17 7.97 8.84
N PRO A 162 18.55 8.93 9.54
CA PRO A 162 19.23 9.91 10.39
C PRO A 162 20.36 9.34 11.25
N THR A 177 16.97 15.98 0.07
CA THR A 177 16.57 15.34 -1.18
C THR A 177 17.49 14.16 -1.53
N GLY A 178 17.98 14.12 -2.77
CA GLY A 178 18.87 13.08 -3.25
C GLY A 178 18.22 11.81 -3.78
N THR A 179 19.03 11.00 -4.45
CA THR A 179 18.57 9.74 -5.02
C THR A 179 19.41 8.56 -4.52
N VAL A 180 18.92 7.35 -4.75
CA VAL A 180 19.62 6.16 -4.34
C VAL A 180 19.63 5.24 -5.55
N GLN A 181 20.79 4.68 -5.84
CA GLN A 181 20.87 3.79 -6.98
C GLN A 181 20.73 2.35 -6.52
N ILE A 182 19.96 1.57 -7.26
CA ILE A 182 19.75 0.17 -6.92
C ILE A 182 20.38 -0.59 -8.04
N LEU A 183 21.42 -1.34 -7.72
CA LEU A 183 22.13 -2.13 -8.71
C LEU A 183 21.94 -3.61 -8.44
N VAL A 184 21.62 -4.36 -9.48
CA VAL A 184 21.41 -5.79 -9.35
C VAL A 184 22.38 -6.47 -10.28
N HIS A 185 23.02 -7.53 -9.77
CA HIS A 185 24.00 -8.32 -10.51
C HIS A 185 23.52 -9.75 -10.71
N ALA A 186 23.74 -10.22 -11.94
CA ALA A 186 23.38 -11.56 -12.43
C ALA A 186 23.93 -12.78 -11.66
N GLY A 187 25.20 -13.09 -11.86
CA GLY A 187 25.83 -14.22 -11.21
C GLY A 187 27.24 -13.89 -10.75
N PRO A 188 27.50 -14.01 -9.45
CA PRO A 188 26.48 -14.44 -8.48
C PRO A 188 25.45 -13.35 -8.26
N PRO A 189 24.23 -13.71 -7.87
CA PRO A 189 23.19 -12.71 -7.63
C PRO A 189 23.62 -11.78 -6.50
N ALA A 190 23.31 -10.49 -6.65
CA ALA A 190 23.66 -9.49 -5.64
C ALA A 190 22.83 -8.25 -5.86
N ILE A 191 22.62 -7.52 -4.78
CA ILE A 191 21.83 -6.29 -4.87
C ILE A 191 22.62 -5.24 -4.08
N LYS A 192 22.82 -4.08 -4.71
CA LYS A 192 23.53 -2.98 -4.08
C LYS A 192 22.75 -1.68 -4.10
N PHE A 193 22.81 -0.97 -2.99
CA PHE A 193 22.14 0.30 -2.80
C PHE A 193 23.28 1.28 -2.74
N ILE A 194 23.28 2.23 -3.67
CA ILE A 194 24.32 3.24 -3.74
C ILE A 194 23.85 4.66 -3.52
N LEU A 195 24.55 5.36 -2.65
CA LEU A 195 24.25 6.73 -2.30
C LEU A 195 25.15 7.67 -3.12
N THR A 196 24.71 8.92 -3.29
CA THR A 196 25.48 9.91 -4.06
C THR A 196 26.89 10.12 -3.52
N ASN A 197 27.05 9.97 -2.20
CA ASN A 197 28.36 10.15 -1.56
C ASN A 197 29.34 8.97 -1.75
N GLY A 198 29.01 8.05 -2.67
CA GLY A 198 29.83 6.88 -2.96
C GLY A 198 29.87 5.74 -1.96
N SER A 199 28.90 5.72 -1.04
CA SER A 199 28.79 4.69 -0.01
C SER A 199 27.82 3.64 -0.55
N GLU A 200 28.20 2.36 -0.47
CA GLU A 200 27.34 1.29 -0.96
C GLU A 200 27.09 0.20 0.04
N LEU A 201 25.85 -0.31 0.05
CA LEU A 201 25.47 -1.38 0.95
C LEU A 201 25.08 -2.51 0.02
N GLU A 202 25.71 -3.67 0.17
CA GLU A 202 25.40 -4.80 -0.67
C GLU A 202 24.98 -6.06 0.07
N PHE A 203 24.13 -6.83 -0.58
CA PHE A 203 23.63 -8.08 -0.04
C PHE A 203 23.84 -9.14 -1.10
N THR A 204 24.56 -10.18 -0.71
CA THR A 204 24.86 -11.27 -1.61
C THR A 204 23.90 -12.40 -1.29
N SER A 205 23.75 -13.32 -2.25
CA SER A 205 22.86 -14.45 -2.10
C SER A 205 23.27 -15.22 -0.85
N ASN A 206 22.34 -15.31 0.10
CA ASN A 206 22.62 -16.02 1.33
C ASN A 206 21.34 -16.33 2.12
N ASN A 207 21.44 -16.74 3.38
CA ASN A 207 20.25 -17.05 4.17
C ASN A 207 19.29 -15.91 4.49
N ARG A 208 19.73 -14.67 4.24
CA ARG A 208 18.93 -13.48 4.51
C ARG A 208 18.20 -12.88 3.30
N VAL A 209 18.65 -13.21 2.10
CA VAL A 209 18.01 -12.68 0.89
C VAL A 209 17.85 -13.79 -0.16
N SER A 210 16.68 -13.89 -0.79
CA SER A 210 16.43 -14.91 -1.81
C SER A 210 16.26 -14.18 -3.12
N PHE A 211 17.02 -14.60 -4.13
CA PHE A 211 16.98 -14.02 -5.44
C PHE A 211 16.23 -14.96 -6.36
N HIS A 212 15.13 -14.49 -6.93
CA HIS A 212 14.36 -15.33 -7.81
C HIS A 212 14.78 -14.94 -9.23
N GLY A 213 14.32 -13.80 -9.70
CA GLY A 213 14.69 -13.37 -11.03
C GLY A 213 15.71 -12.25 -10.90
N VAL A 214 16.78 -12.34 -11.66
CA VAL A 214 17.84 -11.33 -11.63
C VAL A 214 18.26 -10.99 -13.04
N LYS A 215 18.71 -9.75 -13.22
CA LYS A 215 19.15 -9.23 -14.49
C LYS A 215 20.07 -8.08 -14.15
N ASN A 216 21.12 -7.89 -14.95
CA ASN A 216 22.05 -6.79 -14.71
C ASN A 216 21.39 -5.47 -15.08
N MET A 217 21.06 -4.68 -14.08
CA MET A 217 20.43 -3.39 -14.31
C MET A 217 20.58 -2.47 -13.11
N ARG A 218 20.42 -1.19 -13.36
CA ARG A 218 20.52 -0.17 -12.34
C ARG A 218 19.43 0.89 -12.50
N ILE A 219 18.71 1.14 -11.42
CA ILE A 219 17.64 2.13 -11.44
C ILE A 219 18.01 3.22 -10.43
N ASN A 220 17.34 4.36 -10.54
CA ASN A 220 17.58 5.46 -9.65
C ASN A 220 16.25 5.90 -9.15
N VAL A 221 16.11 5.97 -7.83
CA VAL A 221 14.85 6.38 -7.25
C VAL A 221 15.11 7.47 -6.24
N GLN A 222 14.07 8.20 -5.91
CA GLN A 222 14.16 9.29 -4.95
C GLN A 222 14.41 8.63 -3.60
N LEU A 223 15.47 9.07 -2.92
CA LEU A 223 15.84 8.54 -1.61
C LEU A 223 14.71 8.69 -0.60
N LYS A 224 14.11 9.88 -0.55
CA LYS A 224 13.03 10.15 0.37
C LYS A 224 11.89 9.12 0.20
N ASN A 225 11.37 8.97 -1.02
CA ASN A 225 10.28 8.00 -1.24
C ASN A 225 10.75 6.57 -0.95
N PHE A 226 12.02 6.27 -1.27
CA PHE A 226 12.55 4.94 -1.03
C PHE A 226 12.60 4.64 0.47
N TYR A 227 13.15 5.58 1.23
CA TYR A 227 13.26 5.46 2.67
C TYR A 227 11.87 5.30 3.28
N GLN A 228 10.95 6.15 2.84
CA GLN A 228 9.58 6.12 3.33
C GLN A 228 8.96 4.77 3.03
N THR A 229 9.28 4.22 1.86
CA THR A 229 8.77 2.92 1.42
C THR A 229 9.29 1.81 2.35
N LEU A 230 10.57 1.92 2.71
CA LEU A 230 11.13 0.91 3.59
C LEU A 230 10.44 1.00 4.94
N LEU A 231 10.22 2.22 5.45
CA LEU A 231 9.56 2.38 6.75
C LEU A 231 8.16 1.76 6.69
N ASN A 232 7.40 2.05 5.63
CA ASN A 232 6.05 1.49 5.51
C ASN A 232 6.06 0.00 5.52
N CYS A 233 7.00 -0.61 4.82
CA CYS A 233 7.09 -2.06 4.79
C CYS A 233 7.53 -2.63 6.12
N ALA A 234 8.48 -1.95 6.78
CA ALA A 234 8.99 -2.42 8.07
C ALA A 234 7.94 -2.70 9.15
N VAL A 235 6.78 -2.04 9.07
CA VAL A 235 5.71 -2.24 10.08
C VAL A 235 5.28 -3.72 10.24
N THR A 236 5.55 -4.56 9.25
CA THR A 236 5.16 -5.96 9.36
C THR A 236 6.16 -6.78 10.17
N LYS A 237 7.40 -6.30 10.28
CA LYS A 237 8.47 -7.00 11.01
C LYS A 237 8.68 -8.34 10.32
N LEU A 238 8.24 -8.43 9.07
CA LEU A 238 8.35 -9.63 8.26
C LEU A 238 9.12 -9.36 6.97
N PRO A 239 9.47 -10.39 6.21
CA PRO A 239 10.21 -10.17 4.97
C PRO A 239 9.57 -9.20 3.98
N CYS A 240 10.38 -8.68 3.08
CA CYS A 240 9.94 -7.75 2.07
C CYS A 240 10.29 -8.31 0.73
N THR A 241 9.60 -7.77 -0.26
CA THR A 241 9.81 -8.19 -1.61
C THR A 241 10.18 -6.93 -2.32
N LEU A 242 11.15 -7.06 -3.20
CA LEU A 242 11.62 -5.96 -3.97
C LEU A 242 11.64 -6.50 -5.41
N ARG A 243 11.06 -5.75 -6.33
CA ARG A 243 11.03 -6.14 -7.72
C ARG A 243 11.23 -4.93 -8.58
N ILE A 244 11.80 -5.15 -9.75
CA ILE A 244 12.03 -4.05 -10.67
C ILE A 244 11.25 -4.59 -11.85
N VAL A 245 10.26 -3.84 -12.27
CA VAL A 245 9.40 -4.20 -13.39
C VAL A 245 9.76 -3.36 -14.59
N THR A 246 9.82 -4.00 -15.76
CA THR A 246 10.16 -3.27 -16.96
C THR A 246 9.18 -3.51 -18.11
N GLU A 247 8.01 -4.05 -17.79
CA GLU A 247 7.00 -4.33 -18.82
C GLU A 247 6.67 -3.04 -19.59
N HIS A 248 6.56 -1.94 -18.85
CA HIS A 248 6.26 -0.63 -19.42
C HIS A 248 7.36 0.28 -18.87
N ASP A 249 7.01 1.38 -18.21
CA ASP A 249 8.03 2.26 -17.67
C ASP A 249 8.63 1.51 -16.49
N THR A 250 9.91 1.71 -16.26
CA THR A 250 10.60 1.05 -15.17
C THR A 250 10.08 1.52 -13.83
N LEU A 251 9.70 0.55 -12.98
CA LEU A 251 9.19 0.80 -11.65
C LEU A 251 9.88 -0.08 -10.65
N LEU A 252 9.96 0.41 -9.43
CA LEU A 252 10.59 -0.31 -8.35
C LEU A 252 9.37 -0.65 -7.51
N TYR A 253 9.31 -1.88 -7.05
CA TYR A 253 8.22 -2.34 -6.23
C TYR A 253 8.75 -2.91 -4.93
N VAL A 254 8.24 -2.38 -3.83
CA VAL A 254 8.64 -2.82 -2.51
C VAL A 254 7.35 -3.12 -1.73
N ALA A 255 7.22 -4.35 -1.29
CA ALA A 255 6.06 -4.76 -0.54
C ALA A 255 6.39 -5.75 0.58
N SER A 256 5.45 -5.84 1.53
CA SER A 256 5.54 -6.72 2.68
C SER A 256 4.11 -6.96 3.14
N ARG A 257 3.88 -8.07 3.83
CA ARG A 257 2.54 -8.38 4.31
C ARG A 257 2.59 -9.25 5.55
N ASN A 258 1.45 -9.35 6.22
CA ASN A 258 1.33 -10.16 7.41
C ASN A 258 -0.03 -10.80 7.21
N GLY A 259 -0.63 -11.37 8.26
CA GLY A 259 -1.92 -12.00 8.09
C GLY A 259 -3.09 -11.06 8.03
N LEU A 260 -2.86 -9.77 8.24
CA LEU A 260 -3.96 -8.80 8.22
C LEU A 260 -3.97 -7.84 7.05
N PHE A 261 -2.79 -7.46 6.58
CA PHE A 261 -2.70 -6.55 5.48
C PHE A 261 -1.40 -6.72 4.74
N ALA A 262 -1.34 -6.07 3.58
CA ALA A 262 -0.21 -6.06 2.70
C ALA A 262 0.08 -4.62 2.41
N VAL A 263 1.36 -4.29 2.38
CA VAL A 263 1.82 -2.94 2.13
C VAL A 263 2.57 -3.06 0.80
N GLU A 264 2.19 -2.23 -0.16
CA GLU A 264 2.85 -2.26 -1.46
C GLU A 264 3.15 -0.88 -1.95
N ASN A 265 4.35 -0.68 -2.49
CA ASN A 265 4.74 0.63 -3.00
C ASN A 265 5.34 0.47 -4.36
N PHE A 266 5.04 1.44 -5.23
CA PHE A 266 5.51 1.47 -6.60
C PHE A 266 6.16 2.83 -6.81
N LEU A 267 7.43 2.81 -7.15
CA LEU A 267 8.20 4.03 -7.38
C LEU A 267 8.73 4.05 -8.78
N THR A 268 8.74 5.22 -9.40
CA THR A 268 9.25 5.37 -10.75
C THR A 268 10.68 5.83 -10.64
N GLU A 269 11.39 5.81 -11.75
CA GLU A 269 12.79 6.22 -11.82
C GLU A 269 12.98 7.74 -11.89
N GLU A 270 14.09 8.22 -11.32
CA GLU A 270 14.41 9.66 -11.31
C GLU A 270 15.48 9.81 -12.39
N PRO A 271 15.48 10.91 -13.16
CA PRO A 271 16.49 11.12 -14.20
C PRO A 271 17.87 11.52 -13.64
N ARG B 3 -12.90 11.11 -11.76
CA ARG B 3 -11.92 10.02 -11.38
C ARG B 3 -10.88 10.44 -10.31
N ARG B 4 -11.34 11.21 -9.32
CA ARG B 4 -10.54 11.74 -8.20
C ARG B 4 -8.99 11.83 -8.30
N LEU B 5 -8.27 10.82 -7.82
CA LEU B 5 -6.79 10.87 -7.89
C LEU B 5 -6.13 10.31 -9.14
N HIS B 6 -5.67 11.21 -10.01
CA HIS B 6 -5.02 10.83 -11.27
C HIS B 6 -3.58 10.37 -11.04
N LEU B 7 -3.22 9.29 -11.70
CA LEU B 7 -1.88 8.73 -11.59
C LEU B 7 -1.04 9.27 -12.71
N GLU B 8 0.26 9.40 -12.46
CA GLU B 8 1.15 9.90 -13.46
C GLU B 8 1.10 8.84 -14.58
N PRO B 9 1.34 9.21 -15.84
CA PRO B 9 1.30 8.26 -16.95
C PRO B 9 2.12 6.98 -16.71
N ALA B 10 3.29 7.09 -16.09
CA ALA B 10 4.11 5.91 -15.83
C ALA B 10 3.41 4.79 -15.05
N PHE B 11 2.41 5.13 -14.23
CA PHE B 11 1.67 4.12 -13.44
C PHE B 11 0.42 3.55 -14.09
N LEU B 12 -0.18 4.29 -15.02
CA LEU B 12 -1.39 3.84 -15.70
C LEU B 12 -1.40 2.39 -16.23
N PRO B 13 -0.40 1.99 -17.03
CA PRO B 13 -0.37 0.62 -17.56
C PRO B 13 -0.28 -0.45 -16.48
N TYR B 14 0.08 -0.09 -15.26
CA TYR B 14 0.18 -1.06 -14.19
C TYR B 14 -1.04 -0.99 -13.29
N SER B 15 -2.04 -0.24 -13.73
CA SER B 15 -3.24 -0.11 -12.92
C SER B 15 -4.49 -0.67 -13.58
N VAL B 16 -5.46 -0.97 -12.73
CA VAL B 16 -6.74 -1.50 -13.17
C VAL B 16 -7.79 -0.66 -12.43
N LYS B 17 -9.02 -0.67 -12.91
CA LYS B 17 -10.05 0.09 -12.25
C LYS B 17 -10.43 -0.61 -10.96
N ALA B 18 -10.80 0.19 -9.96
CA ALA B 18 -11.19 -0.34 -8.67
C ALA B 18 -12.26 -1.45 -8.80
N HIS B 19 -13.21 -1.29 -9.71
CA HIS B 19 -14.26 -2.32 -9.88
C HIS B 19 -13.78 -3.72 -10.31
N GLU B 20 -12.65 -3.81 -11.01
CA GLU B 20 -12.13 -5.10 -11.46
C GLU B 20 -10.99 -5.53 -10.53
N CYS B 21 -11.08 -5.07 -9.28
CA CYS B 21 -10.08 -5.37 -8.24
C CYS B 21 -10.46 -6.50 -7.27
N CYS B 22 -9.48 -6.94 -6.47
CA CYS B 22 -9.67 -8.01 -5.47
C CYS B 22 -9.05 -7.78 -4.07
S SO4 C . 8.96 -13.94 -10.11
O1 SO4 C . 8.57 -14.62 -11.34
O2 SO4 C . 9.98 -14.73 -9.39
O3 SO4 C . 7.72 -13.73 -9.34
O4 SO4 C . 9.56 -12.65 -10.44
S SO4 D . 6.93 12.76 -5.19
O1 SO4 D . 6.52 11.50 -5.82
O2 SO4 D . 7.33 12.49 -3.82
O3 SO4 D . 5.84 13.75 -5.21
O4 SO4 D . 8.08 13.31 -5.92
C1 EDO E . 4.04 -8.70 -1.88
O1 EDO E . 4.02 -9.75 -2.83
C2 EDO E . 3.03 -8.89 -0.77
O2 EDO E . 1.75 -8.47 -1.20
C1 EDO F . -12.27 -6.91 20.13
O1 EDO F . -13.47 -7.26 19.49
C2 EDO F . -11.87 -5.50 19.73
O2 EDO F . -13.00 -4.66 19.75
C1 EDO G . -14.66 11.92 -0.24
O1 EDO G . -15.18 11.15 -1.31
C2 EDO G . -15.48 11.83 1.04
O2 EDO G . -14.97 10.86 1.98
S SO4 H . -15.74 2.43 -10.03
O1 SO4 H . -16.33 1.24 -9.42
O2 SO4 H . -15.03 3.20 -9.00
O3 SO4 H . -16.83 3.22 -10.61
O4 SO4 H . -14.74 2.03 -11.04
S SO4 I . -16.29 13.71 -5.76
O1 SO4 I . -17.61 13.57 -6.40
O2 SO4 I . -16.19 12.82 -4.59
O3 SO4 I . -16.15 15.11 -5.33
O4 SO4 I . -15.22 13.41 -6.71
#